data_5U7W
#
_entry.id   5U7W
#
_cell.length_a   53.910
_cell.length_b   52.811
_cell.length_c   72.180
_cell.angle_alpha   90.00
_cell.angle_beta   94.96
_cell.angle_gamma   90.00
#
_symmetry.space_group_name_H-M   'P 1 21 1'
#
loop_
_entity.id
_entity.type
_entity.pdbx_description
1 polymer Apyrase
2 non-polymer ADENINE
3 non-polymer 'PHOSPHATE ION'
4 water water
#
_entity_poly.entity_id   1
_entity_poly.type   'polypeptide(L)'
_entity_poly.pdbx_seq_one_letter_code
;MGTITSYAVVFDAGSTGSRVHVYHFDQNLDLLHIGKDVEFYNKIQPGLSAYADNPEQAAKSLIPLLEQAENVVPEDFHSK
TPIRLGATAGLRLLDGDASERILQAVRDMLNNKSTFNVQPDAVSIIDGTQEGSYLWVTINYVLGNLGKRFTNTVGVIDLG
GGSVQMAYAVSKKTARNAPKVTDGEDPYIKKIVLKGKPYDLYVHSYLHFGREASRAEILKVTHGSASPCILAGFDGIYTY
SGEEFKASAPTSGANFDKCKKIIQKALKLDYPCPYQNCTFGGIWNGGGGSGQKKLFAASSFFYLPQDVGMVDPNKSNLKL
RPVDLENKAKIVCTLNVEDVKSAYPLLEKFNIVPYACMDLIYQYELLVDGFGLDPLQEITAGEKIEYQEALVDAAWALGN
AVEAVLLLPKFERLMYFVVEHHHHHH
;
_entity_poly.pdbx_strand_id   A
#
loop_
_chem_comp.id
_chem_comp.type
_chem_comp.name
_chem_comp.formula
ADE non-polymer ADENINE 'C5 H5 N5'
PO4 non-polymer 'PHOSPHATE ION' 'O4 P -3'
#
# COMPACT_ATOMS: atom_id res chain seq x y z
N ILE A 4 11.28 -28.84 10.80
CA ILE A 4 9.76 -28.85 10.78
C ILE A 4 9.17 -27.42 10.61
N THR A 5 9.83 -26.42 11.18
CA THR A 5 9.33 -25.03 11.11
C THR A 5 10.36 -24.17 10.37
N SER A 6 9.97 -22.95 9.99
CA SER A 6 10.91 -22.11 9.32
C SER A 6 10.69 -20.68 9.79
N TYR A 7 11.77 -19.96 9.89
CA TYR A 7 11.70 -18.55 10.13
C TYR A 7 11.87 -17.82 8.82
N ALA A 8 11.63 -16.54 8.86
CA ALA A 8 11.87 -15.65 7.71
C ALA A 8 12.07 -14.27 8.33
N VAL A 9 13.02 -13.56 7.76
CA VAL A 9 13.34 -12.22 8.23
C VAL A 9 13.15 -11.24 7.05
N VAL A 10 12.33 -10.25 7.28
CA VAL A 10 11.96 -9.23 6.25
C VAL A 10 12.20 -7.84 6.80
N PHE A 11 13.08 -7.10 6.12
CA PHE A 11 13.26 -5.71 6.41
C PHE A 11 12.44 -4.85 5.49
N ASP A 12 11.83 -3.80 6.02
CA ASP A 12 11.08 -2.82 5.26
C ASP A 12 11.77 -1.51 5.52
N ALA A 13 12.39 -1.00 4.50
CA ALA A 13 13.21 0.19 4.63
C ALA A 13 12.33 1.30 4.06
N GLY A 14 11.64 1.99 4.94
CA GLY A 14 10.74 3.05 4.50
C GLY A 14 11.47 4.37 4.50
N SER A 15 10.69 5.41 4.24
CA SER A 15 11.27 6.70 3.94
C SER A 15 11.80 7.38 5.18
N THR A 16 11.20 7.13 6.33
CA THR A 16 11.61 7.72 7.57
C THR A 16 12.10 6.73 8.62
N GLY A 17 12.16 5.45 8.26
CA GLY A 17 12.71 4.48 9.20
C GLY A 17 12.84 3.14 8.54
N SER A 18 13.45 2.24 9.29
CA SER A 18 13.57 0.84 8.82
C SER A 18 12.98 -0.08 9.84
N ARG A 19 12.27 -1.11 9.38
CA ARG A 19 11.61 -2.03 10.25
C ARG A 19 12.07 -3.45 9.96
N VAL A 20 12.17 -4.26 11.01
CA VAL A 20 12.47 -5.67 10.80
C VAL A 20 11.23 -6.45 11.24
N HIS A 21 10.92 -7.48 10.49
CA HIS A 21 9.88 -8.44 10.84
C HIS A 21 10.51 -9.80 10.82
N VAL A 22 10.33 -10.55 11.90
CA VAL A 22 10.72 -11.94 11.89
C VAL A 22 9.50 -12.79 12.07
N TYR A 23 9.32 -13.76 11.24
CA TYR A 23 8.20 -14.65 11.30
C TYR A 23 8.68 -16.08 11.54
N HIS A 24 7.85 -16.86 12.22
CA HIS A 24 8.09 -18.28 12.46
C HIS A 24 6.86 -19.02 11.94
N PHE A 25 7.06 -19.77 10.86
CA PHE A 25 6.03 -20.59 10.25
C PHE A 25 6.12 -22.04 10.72
N ASP A 26 4.99 -22.63 11.03
CA ASP A 26 4.99 -24.04 11.39
C ASP A 26 4.94 -24.88 10.13
N GLN A 27 4.90 -26.21 10.33
CA GLN A 27 4.82 -27.16 9.23
C GLN A 27 3.69 -26.89 8.23
N ASN A 28 2.58 -26.30 8.65
CA ASN A 28 1.46 -25.99 7.78
C ASN A 28 1.43 -24.57 7.30
N LEU A 29 2.53 -23.85 7.50
CA LEU A 29 2.64 -22.44 7.09
C LEU A 29 1.75 -21.51 7.87
N ASP A 30 1.36 -21.92 9.06
CA ASP A 30 0.71 -21.06 10.01
C ASP A 30 1.74 -20.42 10.91
N LEU A 31 1.56 -19.15 11.20
CA LEU A 31 2.49 -18.41 12.02
C LEU A 31 2.41 -18.92 13.46
N LEU A 32 3.56 -18.99 14.07
CA LEU A 32 3.72 -19.36 15.44
C LEU A 32 3.98 -18.05 16.12
N HIS A 33 3.53 -17.94 17.34
CA HIS A 33 3.87 -16.75 18.11
C HIS A 33 5.32 -16.65 18.45
N ILE A 34 5.79 -15.44 18.39
CA ILE A 34 7.07 -15.10 18.94
C ILE A 34 6.82 -14.13 20.08
N GLY A 35 7.10 -14.61 21.29
CA GLY A 35 6.66 -13.95 22.50
C GLY A 35 5.16 -13.85 22.41
N LYS A 36 4.65 -12.64 22.56
CA LYS A 36 3.20 -12.46 22.55
C LYS A 36 2.61 -12.03 21.25
N ASP A 37 3.42 -11.84 20.21
CA ASP A 37 2.94 -11.45 18.87
C ASP A 37 3.13 -12.62 17.91
N VAL A 38 2.61 -12.45 16.68
CA VAL A 38 2.77 -13.39 15.65
C VAL A 38 3.98 -13.05 14.79
N GLU A 39 4.83 -12.17 15.30
CA GLU A 39 6.07 -11.87 14.67
C GLU A 39 6.93 -11.15 15.65
N PHE A 40 8.23 -11.06 15.41
CA PHE A 40 9.02 -10.10 16.14
C PHE A 40 9.10 -8.88 15.24
N TYR A 41 8.97 -7.68 15.82
CA TYR A 41 8.97 -6.48 15.03
C TYR A 41 9.70 -5.42 15.81
N ASN A 42 10.55 -4.70 15.13
CA ASN A 42 11.16 -3.53 15.69
C ASN A 42 11.50 -2.57 14.57
N LYS A 43 11.79 -1.33 14.95
CA LYS A 43 11.97 -0.22 14.02
C LYS A 43 13.09 0.61 14.52
N ILE A 44 13.82 1.18 13.58
CA ILE A 44 14.79 2.22 13.89
C ILE A 44 14.51 3.41 12.94
N GLN A 45 15.13 4.52 13.29
CA GLN A 45 15.02 5.73 12.49
C GLN A 45 16.40 6.39 12.62
N PRO A 46 16.79 7.16 11.62
CA PRO A 46 15.99 7.42 10.46
C PRO A 46 16.11 6.29 9.43
N GLY A 47 15.51 6.49 8.26
CA GLY A 47 15.62 5.57 7.16
C GLY A 47 16.87 5.61 6.29
N LEU A 48 16.99 4.66 5.38
CA LEU A 48 18.15 4.56 4.50
C LEU A 48 18.45 5.86 3.73
N SER A 49 17.39 6.58 3.39
CA SER A 49 17.44 7.90 2.69
C SER A 49 18.22 8.96 3.46
N ALA A 50 18.18 8.90 4.79
CA ALA A 50 19.00 9.82 5.59
C ALA A 50 20.47 9.64 5.38
N TYR A 51 20.86 8.53 4.81
CA TYR A 51 22.25 8.26 4.61
C TYR A 51 22.57 8.11 3.12
N ALA A 52 21.76 8.78 2.29
CA ALA A 52 21.99 8.79 0.86
C ALA A 52 23.43 9.08 0.52
N ASP A 53 24.06 9.98 1.26
CA ASP A 53 25.41 10.36 0.92
C ASP A 53 26.46 9.40 1.44
N ASN A 54 26.03 8.42 2.24
CA ASN A 54 26.98 7.50 2.83
C ASN A 54 26.38 6.10 2.87
N PRO A 55 26.56 5.31 1.78
CA PRO A 55 25.78 4.08 1.74
C PRO A 55 26.20 3.06 2.79
N GLU A 56 27.50 3.01 3.10
CA GLU A 56 28.05 2.05 4.07
C GLU A 56 27.34 2.32 5.38
N GLN A 57 27.05 3.59 5.68
CA GLN A 57 26.35 3.94 6.92
C GLN A 57 24.86 3.63 6.80
N ALA A 58 24.28 3.75 5.61
CA ALA A 58 22.86 3.37 5.44
C ALA A 58 22.74 1.91 5.85
N ALA A 59 23.64 1.06 5.41
CA ALA A 59 23.55 -0.35 5.75
C ALA A 59 23.80 -0.58 7.21
N LYS A 60 24.75 0.20 7.73
CA LYS A 60 25.03 0.07 9.19
C LYS A 60 23.87 0.42 10.12
N SER A 61 23.00 1.32 9.70
CA SER A 61 21.81 1.69 10.42
C SER A 61 20.95 0.48 10.77
N LEU A 62 21.08 -0.59 10.04
CA LEU A 62 20.17 -1.72 10.14
C LEU A 62 20.75 -2.74 11.09
N ILE A 63 22.00 -2.59 11.44
CA ILE A 63 22.70 -3.63 12.15
C ILE A 63 22.08 -3.92 13.51
N PRO A 64 21.69 -2.90 14.27
CA PRO A 64 20.99 -3.31 15.52
C PRO A 64 19.76 -4.20 15.32
N LEU A 65 18.96 -3.89 14.30
CA LEU A 65 17.79 -4.69 13.96
C LEU A 65 18.16 -6.12 13.53
N LEU A 66 19.22 -6.22 12.74
CA LEU A 66 19.70 -7.50 12.31
C LEU A 66 20.11 -8.33 13.51
N GLU A 67 20.78 -7.70 14.42
CA GLU A 67 21.24 -8.45 15.58
C GLU A 67 20.08 -8.97 16.38
N GLN A 68 19.03 -8.19 16.47
CA GLN A 68 17.88 -8.66 17.17
C GLN A 68 17.25 -9.82 16.48
N ALA A 69 17.11 -9.75 15.15
CA ALA A 69 16.62 -10.85 14.38
C ALA A 69 17.50 -12.10 14.58
N GLU A 70 18.81 -11.92 14.66
CA GLU A 70 19.76 -13.00 14.88
C GLU A 70 19.47 -13.66 16.24
N ASN A 71 19.15 -12.85 17.24
CA ASN A 71 18.85 -13.40 18.56
CA ASN A 71 18.85 -13.37 18.57
C ASN A 71 17.51 -14.09 18.61
N VAL A 72 16.54 -13.56 17.87
CA VAL A 72 15.23 -14.18 17.81
C VAL A 72 15.22 -15.57 17.14
N VAL A 73 15.90 -15.69 16.00
CA VAL A 73 15.94 -16.95 15.33
C VAL A 73 16.99 -17.84 16.01
N PRO A 74 16.57 -19.00 16.54
CA PRO A 74 17.57 -19.88 17.20
C PRO A 74 18.68 -20.26 16.22
N GLU A 75 19.93 -20.34 16.71
CA GLU A 75 21.12 -20.42 15.85
C GLU A 75 21.09 -21.57 14.85
N ASP A 76 20.55 -22.71 15.25
CA ASP A 76 20.39 -23.90 14.36
C ASP A 76 19.54 -23.65 13.13
N PHE A 77 18.62 -22.69 13.20
CA PHE A 77 17.81 -22.35 12.01
C PHE A 77 18.42 -21.30 11.11
N HIS A 78 19.48 -20.62 11.53
CA HIS A 78 19.90 -19.43 10.82
C HIS A 78 20.22 -19.66 9.36
N SER A 79 20.96 -20.75 9.13
CA SER A 79 21.45 -21.12 7.78
CA SER A 79 21.45 -21.04 7.77
C SER A 79 20.35 -21.23 6.76
N LYS A 80 19.22 -21.73 7.21
CA LYS A 80 18.14 -22.02 6.31
C LYS A 80 17.06 -20.93 6.35
N THR A 81 17.32 -19.85 7.06
CA THR A 81 16.31 -18.79 7.18
C THR A 81 16.53 -17.72 6.09
N PRO A 82 15.57 -17.51 5.24
CA PRO A 82 15.76 -16.36 4.30
C PRO A 82 15.68 -14.99 4.97
N ILE A 83 16.50 -14.06 4.52
CA ILE A 83 16.43 -12.68 4.90
C ILE A 83 16.25 -11.86 3.64
N ARG A 84 15.36 -10.92 3.70
CA ARG A 84 15.09 -10.04 2.55
C ARG A 84 14.98 -8.64 3.05
N LEU A 85 15.19 -7.68 2.13
CA LEU A 85 14.98 -6.28 2.44
C LEU A 85 14.28 -5.70 1.23
N GLY A 86 13.18 -5.01 1.49
CA GLY A 86 12.42 -4.25 0.48
C GLY A 86 12.46 -2.80 0.88
N ALA A 87 12.79 -1.98 -0.08
CA ALA A 87 12.82 -0.54 0.14
C ALA A 87 11.70 0.05 -0.67
N THR A 88 11.20 1.23 -0.24
CA THR A 88 10.28 2.04 -1.09
C THR A 88 10.92 2.63 -2.37
N ALA A 89 10.16 2.63 -3.47
C ALA A 89 10.05 5.20 -3.94
N GLY A 90 9.94 5.59 -2.68
CA GLY A 90 10.75 6.67 -2.10
C GLY A 90 12.24 6.69 -2.46
N LEU A 91 12.97 5.69 -1.97
CA LEU A 91 14.39 5.61 -2.19
C LEU A 91 14.78 5.92 -3.63
N ARG A 92 13.96 5.57 -4.64
CA ARG A 92 14.20 5.97 -6.04
C ARG A 92 14.41 7.50 -6.22
N LEU A 93 13.67 8.32 -5.46
CA LEU A 93 13.77 9.79 -5.55
C LEU A 93 15.21 10.30 -5.30
N LEU A 94 16.06 9.45 -4.71
CA LEU A 94 17.48 9.76 -4.50
C LEU A 94 18.21 10.09 -5.80
N ASP A 95 19.12 11.07 -5.70
CA ASP A 95 19.92 11.61 -6.82
C ASP A 95 20.95 10.58 -7.31
N GLY A 96 21.44 10.78 -8.52
CA GLY A 96 22.28 9.80 -9.20
C GLY A 96 21.89 8.35 -8.90
N ASP A 97 22.90 7.52 -8.64
CA ASP A 97 22.65 6.11 -8.31
C ASP A 97 22.89 5.86 -6.82
N ALA A 98 22.48 6.82 -6.00
CA ALA A 98 22.60 6.64 -4.57
C ALA A 98 21.70 5.45 -4.16
N SER A 99 20.50 5.36 -4.75
CA SER A 99 19.59 4.21 -4.60
C SER A 99 20.36 2.87 -4.65
N GLU A 100 21.02 2.58 -5.77
CA GLU A 100 21.64 1.30 -5.99
C GLU A 100 22.82 1.06 -5.11
N ARG A 101 23.60 2.09 -4.82
CA ARG A 101 24.72 1.94 -3.90
C ARG A 101 24.27 1.54 -2.51
N ILE A 102 23.17 2.12 -2.07
CA ILE A 102 22.59 1.76 -0.78
C ILE A 102 22.13 0.30 -0.76
N LEU A 103 21.33 -0.06 -1.74
CA LEU A 103 20.95 -1.48 -1.83
C LEU A 103 22.14 -2.40 -1.85
N GLN A 104 23.20 -2.08 -2.60
CA GLN A 104 24.36 -2.94 -2.60
C GLN A 104 25.06 -2.97 -1.28
N ALA A 105 25.19 -1.82 -0.63
CA ALA A 105 25.80 -1.82 0.72
C ALA A 105 24.99 -2.69 1.68
N VAL A 106 23.69 -2.74 1.52
CA VAL A 106 22.84 -3.59 2.38
C VAL A 106 23.15 -5.06 2.13
N ARG A 107 23.27 -5.43 0.85
CA ARG A 107 23.58 -6.77 0.46
C ARG A 107 24.92 -7.14 1.07
N ASP A 108 25.87 -6.24 0.93
CA ASP A 108 27.21 -6.56 1.47
C ASP A 108 27.19 -6.77 2.97
N MET A 109 26.46 -5.89 3.66
CA MET A 109 26.30 -5.99 5.11
C MET A 109 25.60 -7.28 5.49
N LEU A 110 24.55 -7.66 4.77
CA LEU A 110 23.86 -8.89 5.11
C LEU A 110 24.75 -10.09 4.94
N ASN A 111 25.59 -10.03 3.93
CA ASN A 111 26.47 -11.10 3.59
C ASN A 111 27.60 -11.15 4.60
N ASN A 112 28.09 -10.00 5.03
CA ASN A 112 29.25 -9.95 5.96
C ASN A 112 28.85 -10.17 7.40
N LYS A 113 27.66 -9.69 7.76
CA LYS A 113 27.32 -9.60 9.17
C LYS A 113 26.25 -10.57 9.57
N SER A 114 25.63 -11.23 8.63
CA SER A 114 24.65 -12.17 9.09
C SER A 114 24.95 -13.57 8.67
N THR A 115 24.28 -14.45 9.39
CA THR A 115 24.33 -15.86 9.16
C THR A 115 23.12 -16.38 8.38
N PHE A 116 22.23 -15.48 7.98
CA PHE A 116 21.02 -15.88 7.33
C PHE A 116 21.28 -16.19 5.87
N ASN A 117 20.35 -16.90 5.26
CA ASN A 117 20.45 -17.19 3.85
C ASN A 117 20.07 -15.99 2.97
N VAL A 118 21.07 -15.38 2.36
CA VAL A 118 20.89 -14.25 1.48
C VAL A 118 20.85 -14.79 0.04
N GLN A 119 19.68 -14.71 -0.58
CA GLN A 119 19.55 -15.07 -1.99
C GLN A 119 19.91 -13.90 -2.92
N PRO A 120 20.20 -14.20 -4.19
CA PRO A 120 20.54 -13.12 -5.08
C PRO A 120 19.51 -11.98 -5.16
N ASP A 121 18.20 -12.30 -5.02
CA ASP A 121 17.14 -11.30 -5.16
C ASP A 121 16.63 -10.78 -3.79
N ALA A 122 17.42 -11.04 -2.76
CA ALA A 122 17.06 -10.67 -1.37
C ALA A 122 16.77 -9.15 -1.16
N VAL A 123 17.51 -8.25 -1.79
CA VAL A 123 17.45 -6.87 -1.47
C VAL A 123 17.02 -6.11 -2.71
N SER A 124 15.93 -5.41 -2.62
CA SER A 124 15.40 -4.74 -3.79
C SER A 124 14.55 -3.62 -3.42
N ILE A 125 14.20 -2.80 -4.40
CA ILE A 125 13.15 -1.84 -4.25
C ILE A 125 11.84 -2.54 -4.55
N ILE A 126 10.83 -2.36 -3.73
CA ILE A 126 9.58 -3.06 -4.01
C ILE A 126 8.69 -2.09 -4.85
N ASP A 127 8.73 -2.16 -6.18
CA ASP A 127 7.81 -1.29 -6.98
C ASP A 127 6.30 -1.49 -6.62
N GLY A 128 5.51 -0.42 -6.71
CA GLY A 128 4.25 -0.49 -7.42
C GLY A 128 3.57 -1.83 -7.52
N THR A 129 3.67 -2.51 -8.68
CA THR A 129 2.88 -3.70 -8.85
C THR A 129 3.37 -4.82 -7.93
N GLN A 130 4.67 -4.91 -7.70
CA GLN A 130 5.22 -5.83 -6.67
C GLN A 130 4.63 -5.68 -5.30
N GLU A 131 4.56 -4.44 -4.80
CA GLU A 131 3.85 -4.15 -3.58
C GLU A 131 2.40 -4.61 -3.52
N GLY A 132 1.67 -4.29 -4.57
CA GLY A 132 0.28 -4.72 -4.71
C GLY A 132 0.20 -6.25 -4.64
N SER A 133 1.08 -6.94 -5.35
CA SER A 133 1.02 -8.41 -5.37
C SER A 133 1.45 -9.01 -4.02
N TYR A 134 2.47 -8.48 -3.39
CA TYR A 134 2.78 -8.91 -2.00
C TYR A 134 1.65 -8.62 -1.03
N LEU A 135 0.99 -7.46 -1.13
CA LEU A 135 -0.12 -7.18 -0.26
C LEU A 135 -1.23 -8.19 -0.46
N TRP A 136 -1.48 -8.51 -1.75
CA TRP A 136 -2.47 -9.57 -2.08
C TRP A 136 -2.16 -10.87 -1.36
N VAL A 137 -0.89 -11.26 -1.32
CA VAL A 137 -0.44 -12.43 -0.60
C VAL A 137 -0.61 -12.25 0.91
N THR A 138 -0.22 -11.10 1.47
CA THR A 138 -0.43 -10.90 2.90
C THR A 138 -1.87 -11.14 3.29
N ILE A 139 -2.79 -10.46 2.64
CA ILE A 139 -4.15 -10.51 2.96
C ILE A 139 -4.79 -11.91 2.76
N ASN A 140 -4.52 -12.54 1.63
CA ASN A 140 -5.07 -13.86 1.38
C ASN A 140 -4.42 -14.94 2.20
N TYR A 141 -3.17 -14.74 2.55
CA TYR A 141 -2.52 -15.57 3.58
C TYR A 141 -3.29 -15.49 4.90
N VAL A 142 -3.50 -14.28 5.39
CA VAL A 142 -4.07 -14.06 6.70
C VAL A 142 -5.48 -14.66 6.71
N LEU A 143 -6.16 -14.54 5.59
CA LEU A 143 -7.53 -14.99 5.59
C LEU A 143 -7.66 -16.47 5.25
N GLY A 144 -6.54 -17.15 5.03
CA GLY A 144 -6.58 -18.61 4.75
C GLY A 144 -7.06 -19.00 3.34
N ASN A 145 -6.89 -18.12 2.36
CA ASN A 145 -7.34 -18.39 1.02
C ASN A 145 -6.29 -18.96 0.09
N LEU A 146 -5.03 -19.01 0.47
CA LEU A 146 -3.99 -19.50 -0.40
C LEU A 146 -4.22 -20.97 -0.65
N GLY A 147 -4.12 -21.31 -1.92
CA GLY A 147 -4.47 -22.66 -2.40
C GLY A 147 -5.93 -22.81 -2.79
N LYS A 148 -6.78 -21.80 -2.54
CA LYS A 148 -8.16 -21.86 -2.97
C LYS A 148 -8.28 -21.37 -4.40
N ARG A 149 -9.40 -21.69 -5.04
CA ARG A 149 -9.62 -21.28 -6.41
C ARG A 149 -9.65 -19.73 -6.42
N PHE A 150 -9.08 -19.10 -7.46
CA PHE A 150 -9.03 -17.63 -7.57
C PHE A 150 -10.30 -16.90 -7.13
N THR A 151 -11.44 -17.55 -7.29
CA THR A 151 -12.78 -16.96 -7.04
C THR A 151 -13.10 -16.81 -5.58
N ASN A 152 -12.29 -17.46 -4.73
CA ASN A 152 -12.49 -17.34 -3.28
C ASN A 152 -11.43 -16.45 -2.57
N THR A 153 -10.64 -15.78 -3.38
CA THR A 153 -9.57 -14.89 -2.84
C THR A 153 -10.11 -13.50 -2.80
N VAL A 154 -9.40 -12.58 -2.10
CA VAL A 154 -9.88 -11.25 -1.78
C VAL A 154 -8.91 -10.33 -2.51
N GLY A 155 -9.44 -9.43 -3.30
CA GLY A 155 -8.62 -8.54 -4.02
C GLY A 155 -8.19 -7.40 -3.10
N VAL A 156 -7.09 -6.75 -3.45
CA VAL A 156 -6.60 -5.66 -2.64
C VAL A 156 -6.46 -4.34 -3.38
N ILE A 157 -6.67 -3.25 -2.67
CA ILE A 157 -6.45 -1.91 -3.21
C ILE A 157 -5.60 -1.21 -2.16
N ASP A 158 -4.57 -0.54 -2.56
CA ASP A 158 -3.66 0.11 -1.60
C ASP A 158 -3.46 1.55 -2.03
N LEU A 159 -3.89 2.51 -1.22
CA LEU A 159 -3.78 3.92 -1.57
C LEU A 159 -2.56 4.42 -0.82
N GLY A 160 -1.46 4.44 -1.53
CA GLY A 160 -0.21 4.90 -1.01
C GLY A 160 -0.12 6.41 -1.14
N GLY A 161 1.06 6.94 -0.88
CA GLY A 161 1.25 8.44 -1.02
C GLY A 161 1.29 8.90 -2.46
N GLY A 162 2.10 8.22 -3.25
CA GLY A 162 2.28 8.53 -4.63
C GLY A 162 1.42 7.77 -5.60
N SER A 163 1.12 6.52 -5.27
CA SER A 163 0.42 5.64 -6.21
CA SER A 163 0.41 5.63 -6.20
C SER A 163 -0.69 4.90 -5.51
N VAL A 164 -1.62 4.42 -6.33
CA VAL A 164 -2.63 3.48 -5.85
C VAL A 164 -2.44 2.16 -6.60
N GLN A 165 -2.48 1.03 -5.89
CA GLN A 165 -2.38 -0.30 -6.49
C GLN A 165 -3.66 -1.03 -6.38
N MET A 166 -3.95 -1.79 -7.41
CA MET A 166 -5.06 -2.72 -7.44
C MET A 166 -4.46 -4.08 -7.81
N ALA A 167 -4.83 -5.11 -7.04
CA ALA A 167 -4.36 -6.46 -7.25
C ALA A 167 -5.45 -7.44 -6.98
N TYR A 168 -5.73 -8.31 -7.95
CA TYR A 168 -6.78 -9.33 -7.73
C TYR A 168 -6.58 -10.46 -8.74
N ALA A 169 -7.03 -11.64 -8.34
CA ALA A 169 -6.77 -12.84 -9.08
C ALA A 169 -7.86 -12.96 -10.18
N VAL A 170 -7.33 -13.46 -11.31
CA VAL A 170 -8.10 -13.76 -12.49
C VAL A 170 -7.86 -15.20 -13.00
N SER A 171 -8.77 -15.53 -13.90
CA SER A 171 -8.67 -16.71 -14.78
CA SER A 171 -8.63 -16.75 -14.71
C SER A 171 -7.40 -16.80 -15.61
N LYS A 172 -7.02 -18.04 -15.96
CA LYS A 172 -5.94 -18.24 -16.93
C LYS A 172 -6.37 -17.76 -18.29
N LYS A 173 -7.66 -17.84 -18.54
CA LYS A 173 -8.23 -17.26 -19.73
C LYS A 173 -7.82 -15.77 -19.78
N THR A 174 -8.30 -15.04 -18.75
CA THR A 174 -8.17 -13.61 -18.64
C THR A 174 -6.70 -13.26 -18.73
N ALA A 175 -5.85 -13.99 -18.03
CA ALA A 175 -4.40 -13.71 -18.08
C ALA A 175 -3.83 -13.78 -19.51
N ARG A 176 -4.32 -14.78 -20.26
CA ARG A 176 -3.79 -15.13 -21.59
C ARG A 176 -4.23 -14.03 -22.55
N ASN A 177 -5.52 -13.66 -22.44
CA ASN A 177 -6.17 -12.48 -23.08
CA ASN A 177 -6.05 -12.51 -23.20
C ASN A 177 -5.51 -11.12 -22.77
N ALA A 178 -4.68 -11.06 -21.73
CA ALA A 178 -4.25 -9.77 -21.23
C ALA A 178 -3.44 -8.95 -22.25
N PRO A 179 -3.81 -7.67 -22.38
CA PRO A 179 -3.09 -6.74 -23.18
C PRO A 179 -1.59 -6.74 -22.99
N LYS A 180 -0.87 -6.62 -24.09
CA LYS A 180 0.58 -6.46 -24.06
C LYS A 180 0.95 -4.98 -23.87
N GLU A 185 6.81 0.09 -18.84
CA GLU A 185 5.52 -0.15 -18.19
C GLU A 185 5.34 -1.49 -17.48
N ASP A 186 4.57 -1.48 -16.39
CA ASP A 186 4.37 -2.66 -15.56
C ASP A 186 3.43 -3.63 -16.29
N PRO A 187 3.86 -4.86 -16.53
CA PRO A 187 2.93 -5.88 -17.10
C PRO A 187 1.66 -6.06 -16.27
N TYR A 188 0.57 -6.54 -16.86
CA TYR A 188 -0.67 -6.48 -16.08
C TYR A 188 -0.92 -7.73 -15.26
N ILE A 189 -0.16 -8.75 -15.62
CA ILE A 189 -0.22 -10.02 -14.90
C ILE A 189 1.07 -10.49 -14.30
N LYS A 190 0.91 -10.91 -13.05
CA LYS A 190 1.98 -11.39 -12.24
C LYS A 190 1.55 -12.83 -11.92
N LYS A 191 2.45 -13.77 -12.18
CA LYS A 191 2.19 -15.20 -11.95
C LYS A 191 2.83 -15.55 -10.65
N ILE A 192 2.07 -16.18 -9.77
CA ILE A 192 2.56 -16.59 -8.48
C ILE A 192 1.92 -17.92 -8.15
N VAL A 193 2.76 -18.81 -7.66
CA VAL A 193 2.32 -20.11 -7.23
C VAL A 193 2.39 -20.07 -5.72
N LEU A 194 1.27 -20.34 -5.06
CA LEU A 194 1.18 -20.28 -3.60
C LEU A 194 0.59 -21.55 -3.11
N LYS A 195 1.29 -22.25 -2.19
CA LYS A 195 0.86 -23.57 -1.79
C LYS A 195 0.58 -24.41 -2.99
N GLY A 196 1.49 -24.28 -3.97
CA GLY A 196 1.48 -25.10 -5.18
C GLY A 196 0.40 -24.75 -6.17
N LYS A 197 -0.54 -23.87 -5.79
CA LYS A 197 -1.55 -23.38 -6.72
C LYS A 197 -1.07 -22.14 -7.50
N PRO A 198 -1.04 -22.23 -8.86
CA PRO A 198 -0.66 -21.06 -9.65
C PRO A 198 -1.81 -20.05 -9.67
N TYR A 199 -1.46 -18.79 -9.43
CA TYR A 199 -2.46 -17.73 -9.62
C TYR A 199 -1.92 -16.78 -10.66
N ASP A 200 -2.88 -16.21 -11.35
CA ASP A 200 -2.63 -15.14 -12.29
C ASP A 200 -3.18 -13.89 -11.65
N LEU A 201 -2.29 -13.04 -11.20
CA LEU A 201 -2.78 -11.87 -10.51
C LEU A 201 -2.82 -10.67 -11.45
N TYR A 202 -3.99 -10.05 -11.60
CA TYR A 202 -4.09 -8.77 -12.27
C TYR A 202 -3.47 -7.78 -11.28
N VAL A 203 -2.55 -6.99 -11.74
CA VAL A 203 -1.85 -6.00 -10.96
C VAL A 203 -1.69 -4.71 -11.78
N HIS A 204 -1.95 -3.56 -11.13
CA HIS A 204 -1.65 -2.27 -11.71
C HIS A 204 -1.34 -1.29 -10.62
N SER A 205 -0.30 -0.48 -10.84
CA SER A 205 -0.02 0.69 -9.98
C SER A 205 -0.23 1.95 -10.79
N TYR A 206 -1.04 2.86 -10.25
CA TYR A 206 -1.39 4.13 -10.87
C TYR A 206 -0.53 5.21 -10.24
N LEU A 207 0.53 5.59 -10.96
CA LEU A 207 1.37 6.67 -10.47
C LEU A 207 0.54 7.96 -10.56
N HIS A 208 0.86 8.87 -9.71
CA HIS A 208 0.09 10.12 -9.57
C HIS A 208 -1.23 10.05 -8.87
N PHE A 209 -1.65 8.88 -8.40
CA PHE A 209 -3.00 8.76 -7.89
C PHE A 209 -3.01 8.17 -6.52
N GLY A 210 -1.85 8.18 -5.88
CA GLY A 210 -1.80 8.06 -4.45
C GLY A 210 -2.44 9.24 -3.69
N ARG A 211 -2.51 9.13 -2.39
CA ARG A 211 -3.19 10.13 -1.57
C ARG A 211 -2.57 11.52 -1.69
N GLU A 212 -1.26 11.62 -1.67
CA GLU A 212 -0.63 12.90 -1.73
C GLU A 212 -0.65 13.42 -3.17
N ALA A 213 -0.32 12.52 -4.08
CA ALA A 213 -0.14 12.85 -5.47
C ALA A 213 -1.45 13.28 -6.04
N SER A 214 -2.54 12.62 -5.58
CA SER A 214 -3.82 12.91 -6.18
C SER A 214 -4.22 14.37 -5.97
N ARG A 215 -3.84 14.94 -4.85
CA ARG A 215 -4.18 16.34 -4.56
C ARG A 215 -3.61 17.26 -5.60
N ALA A 216 -2.39 17.00 -6.00
CA ALA A 216 -1.79 17.74 -7.08
C ALA A 216 -2.52 17.56 -8.41
N GLU A 217 -2.93 16.34 -8.73
CA GLU A 217 -3.68 16.20 -9.92
C GLU A 217 -4.96 16.97 -9.89
N ILE A 218 -5.62 16.95 -8.75
CA ILE A 218 -6.87 17.65 -8.58
C ILE A 218 -6.72 19.15 -8.69
N LEU A 219 -5.69 19.69 -8.03
CA LEU A 219 -5.44 21.14 -8.04
C LEU A 219 -4.96 21.62 -9.37
N LYS A 220 -4.34 20.76 -10.17
CA LYS A 220 -3.98 21.17 -11.52
C LYS A 220 -5.13 21.51 -12.37
N VAL A 221 -6.27 20.89 -12.11
CA VAL A 221 -7.42 21.15 -12.92
C VAL A 221 -7.80 22.61 -12.90
N THR A 222 -7.60 23.29 -11.79
CA THR A 222 -8.05 24.64 -11.62
C THR A 222 -6.94 25.66 -11.80
N HIS A 223 -5.74 25.17 -12.13
CA HIS A 223 -4.57 25.97 -12.46
C HIS A 223 -4.33 27.08 -11.50
N GLY A 224 -4.44 28.35 -11.88
CA GLY A 224 -4.21 29.45 -10.86
C GLY A 224 -5.42 29.88 -10.02
N SER A 225 -6.54 29.20 -10.21
CA SER A 225 -7.82 29.62 -9.71
C SER A 225 -8.17 28.89 -8.45
N ALA A 226 -9.15 29.43 -7.79
CA ALA A 226 -9.57 28.86 -6.55
C ALA A 226 -10.15 27.50 -6.93
N SER A 227 -10.06 26.57 -5.99
CA SER A 227 -10.70 25.28 -6.15
C SER A 227 -11.83 25.00 -5.15
N PRO A 228 -12.97 24.51 -5.65
CA PRO A 228 -14.06 24.13 -4.85
C PRO A 228 -13.81 22.84 -4.04
N CYS A 229 -12.67 22.20 -4.27
CA CYS A 229 -12.15 21.08 -3.45
C CYS A 229 -11.46 21.48 -2.19
N ILE A 230 -11.31 22.78 -1.99
CA ILE A 230 -10.62 23.25 -0.84
C ILE A 230 -11.60 23.86 0.16
N LEU A 231 -11.43 23.52 1.43
CA LEU A 231 -12.34 24.12 2.45
C LEU A 231 -12.25 25.66 2.61
N ALA A 232 -13.40 26.26 2.91
CA ALA A 232 -13.45 27.68 3.38
C ALA A 232 -12.44 27.88 4.47
N GLY A 233 -11.73 29.00 4.40
CA GLY A 233 -10.80 29.38 5.42
C GLY A 233 -9.39 28.95 5.23
N PHE A 234 -9.05 28.44 4.04
CA PHE A 234 -7.67 28.15 3.68
C PHE A 234 -7.47 28.81 2.32
N ASP A 235 -6.34 29.46 2.18
CA ASP A 235 -6.00 30.08 0.98
C ASP A 235 -4.52 29.93 0.99
N GLY A 236 -4.01 28.80 0.53
CA GLY A 236 -2.61 28.52 0.61
C GLY A 236 -2.05 27.82 -0.59
N ILE A 237 -1.00 27.06 -0.34
CA ILE A 237 -0.24 26.45 -1.39
C ILE A 237 -0.08 24.98 -0.99
N TYR A 238 -0.27 24.08 -1.96
CA TYR A 238 0.06 22.68 -1.79
C TYR A 238 1.30 22.35 -2.55
N THR A 239 2.23 21.71 -1.88
CA THR A 239 3.47 21.33 -2.50
C THR A 239 3.59 19.85 -2.63
N TYR A 240 3.75 19.42 -3.86
CA TYR A 240 3.97 18.03 -4.10
C TYR A 240 5.11 17.87 -5.11
N SER A 241 6.06 17.03 -4.76
CA SER A 241 7.18 16.76 -5.68
C SER A 241 7.80 18.08 -6.24
N GLY A 242 7.94 19.02 -5.32
CA GLY A 242 8.64 20.29 -5.52
C GLY A 242 7.83 21.23 -6.42
N GLU A 243 6.60 20.82 -6.82
CA GLU A 243 5.72 21.73 -7.56
C GLU A 243 4.75 22.41 -6.58
N GLU A 244 4.49 23.69 -6.83
CA GLU A 244 3.50 24.40 -6.05
C GLU A 244 2.20 24.44 -6.75
N PHE A 245 1.17 24.18 -5.97
CA PHE A 245 -0.18 24.28 -6.40
C PHE A 245 -1.00 25.18 -5.51
N LYS A 246 -1.61 26.19 -6.12
CA LYS A 246 -2.50 27.08 -5.43
C LYS A 246 -3.68 26.31 -4.87
N ALA A 247 -3.99 26.52 -3.60
CA ALA A 247 -5.00 25.76 -2.87
C ALA A 247 -5.77 26.74 -2.07
N SER A 248 -6.75 27.31 -2.71
CA SER A 248 -7.58 28.26 -2.08
C SER A 248 -9.04 28.06 -2.44
N ALA A 249 -9.84 28.17 -1.40
CA ALA A 249 -11.26 28.01 -1.49
C ALA A 249 -11.82 29.19 -2.25
N PRO A 250 -12.83 28.95 -3.06
CA PRO A 250 -13.63 30.03 -3.58
C PRO A 250 -14.39 30.72 -2.46
N THR A 251 -15.06 31.83 -2.81
CA THR A 251 -15.71 32.67 -1.81
C THR A 251 -16.80 31.94 -1.07
N SER A 252 -17.54 31.09 -1.78
CA SER A 252 -18.51 30.23 -1.18
C SER A 252 -17.97 28.98 -0.49
N GLY A 253 -16.64 28.82 -0.45
CA GLY A 253 -15.97 27.65 0.17
C GLY A 253 -16.05 26.38 -0.69
N ALA A 254 -15.83 25.23 -0.08
CA ALA A 254 -15.90 23.99 -0.78
C ALA A 254 -17.31 23.69 -1.31
N ASN A 255 -17.38 22.85 -2.32
CA ASN A 255 -18.64 22.48 -2.85
C ASN A 255 -18.53 21.08 -3.37
N PHE A 256 -19.34 20.19 -2.80
CA PHE A 256 -19.25 18.79 -3.16
C PHE A 256 -19.44 18.57 -4.64
N ASP A 257 -20.46 19.17 -5.24
CA ASP A 257 -20.77 18.90 -6.64
CA ASP A 257 -20.76 18.87 -6.65
C ASP A 257 -19.68 19.32 -7.59
N LYS A 258 -19.20 20.52 -7.41
CA LYS A 258 -18.16 21.07 -8.27
C LYS A 258 -16.86 20.39 -8.02
N CYS A 259 -16.56 20.07 -6.77
CA CYS A 259 -15.27 19.34 -6.48
C CYS A 259 -15.29 17.97 -7.18
N LYS A 260 -16.42 17.28 -7.06
CA LYS A 260 -16.58 16.01 -7.72
C LYS A 260 -16.35 16.05 -9.23
N LYS A 261 -16.84 17.07 -9.87
CA LYS A 261 -16.62 17.18 -11.26
C LYS A 261 -15.12 17.37 -11.61
N ILE A 262 -14.49 18.15 -10.77
CA ILE A 262 -13.06 18.41 -10.94
C ILE A 262 -12.30 17.14 -10.75
N ILE A 263 -12.66 16.38 -9.75
CA ILE A 263 -12.04 15.07 -9.49
C ILE A 263 -12.21 14.07 -10.66
N GLN A 264 -13.42 13.98 -11.19
CA GLN A 264 -13.69 13.22 -12.38
C GLN A 264 -12.78 13.57 -13.52
N LYS A 265 -12.55 14.85 -13.74
CA LYS A 265 -11.57 15.33 -14.72
C LYS A 265 -10.16 14.88 -14.38
N ALA A 266 -9.78 15.04 -13.09
CA ALA A 266 -8.44 14.69 -12.66
C ALA A 266 -8.13 13.21 -12.86
N LEU A 267 -9.15 12.39 -12.76
CA LEU A 267 -9.01 10.95 -12.87
C LEU A 267 -8.90 10.51 -14.29
N LYS A 268 -9.23 11.35 -15.23
CA LYS A 268 -9.24 11.00 -16.67
C LYS A 268 -10.09 9.79 -16.93
N LEU A 269 -11.30 9.85 -16.35
CA LEU A 269 -12.33 8.87 -16.67
C LEU A 269 -12.59 8.78 -18.12
N ASP A 270 -12.53 9.90 -18.83
CA ASP A 270 -12.81 9.91 -20.24
C ASP A 270 -11.64 9.55 -21.17
N TYR A 271 -10.57 9.06 -20.61
CA TYR A 271 -9.44 8.69 -21.44
C TYR A 271 -9.81 7.49 -22.30
N PRO A 272 -9.50 7.52 -23.61
CA PRO A 272 -10.10 6.44 -24.39
C PRO A 272 -9.59 5.12 -23.99
N CYS A 273 -10.39 4.08 -24.09
CA CYS A 273 -9.94 2.77 -23.58
C CYS A 273 -9.43 1.87 -24.72
N PRO A 274 -8.12 1.49 -24.74
CA PRO A 274 -7.57 0.71 -25.85
C PRO A 274 -7.87 -0.75 -25.69
N TYR A 275 -8.49 -1.16 -24.59
CA TYR A 275 -8.77 -2.56 -24.37
C TYR A 275 -10.24 -2.73 -24.14
N GLN A 276 -10.65 -3.87 -23.57
CA GLN A 276 -12.07 -4.23 -23.38
C GLN A 276 -12.77 -3.28 -22.43
N ASN A 277 -12.23 -3.12 -21.22
CA ASN A 277 -12.72 -2.04 -20.34
C ASN A 277 -11.62 -1.50 -19.52
N CYS A 278 -11.81 -0.25 -19.14
CA CYS A 278 -10.81 0.46 -18.48
C CYS A 278 -11.32 0.97 -17.13
N THR A 279 -10.37 1.24 -16.28
CA THR A 279 -10.70 1.99 -15.11
C THR A 279 -10.75 3.49 -15.41
N PHE A 280 -9.57 4.03 -15.51
CA PHE A 280 -9.36 5.41 -15.87
C PHE A 280 -7.96 5.53 -16.46
N GLY A 281 -7.70 6.58 -17.23
CA GLY A 281 -6.40 6.78 -17.85
C GLY A 281 -6.02 5.78 -18.88
N GLY A 282 -6.99 5.07 -19.41
CA GLY A 282 -6.84 4.10 -20.45
C GLY A 282 -6.30 2.79 -19.92
N ILE A 283 -6.40 2.58 -18.62
CA ILE A 283 -5.83 1.41 -18.04
C ILE A 283 -6.84 0.28 -18.05
N TRP A 284 -6.39 -0.91 -18.42
CA TRP A 284 -7.25 -2.07 -18.48
C TRP A 284 -7.65 -2.43 -17.02
N ASN A 285 -8.91 -2.75 -16.80
CA ASN A 285 -9.41 -3.00 -15.46
C ASN A 285 -9.12 -4.41 -14.95
N GLY A 286 -8.67 -5.27 -15.88
CA GLY A 286 -8.34 -6.67 -15.60
C GLY A 286 -9.53 -7.57 -15.67
N GLY A 287 -10.69 -6.97 -15.89
CA GLY A 287 -11.90 -7.69 -16.29
C GLY A 287 -12.81 -8.03 -15.16
N GLY A 288 -12.40 -7.75 -13.91
CA GLY A 288 -13.30 -7.86 -12.80
C GLY A 288 -13.47 -9.33 -12.39
N GLY A 289 -14.66 -9.66 -11.98
CA GLY A 289 -14.93 -11.03 -11.65
C GLY A 289 -14.86 -11.34 -10.18
N SER A 290 -14.86 -12.62 -9.92
CA SER A 290 -15.12 -13.06 -8.58
C SER A 290 -13.99 -12.65 -7.66
N GLY A 291 -12.79 -12.60 -8.21
CA GLY A 291 -11.56 -12.28 -7.46
C GLY A 291 -11.56 -10.87 -6.95
N GLN A 292 -12.47 -10.09 -7.50
CA GLN A 292 -12.48 -8.74 -7.14
C GLN A 292 -13.73 -8.50 -6.39
N LYS A 293 -14.54 -9.51 -6.08
CA LYS A 293 -15.76 -9.22 -5.29
C LYS A 293 -15.60 -8.87 -3.82
N LYS A 294 -14.71 -9.52 -3.12
CA LYS A 294 -14.41 -9.15 -1.75
C LYS A 294 -13.14 -8.33 -1.87
N LEU A 295 -13.08 -7.24 -1.20
CA LEU A 295 -11.89 -6.37 -1.29
C LEU A 295 -11.41 -5.94 0.05
N PHE A 296 -10.10 -5.77 0.16
CA PHE A 296 -9.46 -5.20 1.31
C PHE A 296 -8.67 -3.97 0.80
N ALA A 297 -9.01 -2.82 1.31
CA ALA A 297 -8.44 -1.56 0.91
C ALA A 297 -7.48 -1.09 1.99
N ALA A 298 -6.22 -0.90 1.62
CA ALA A 298 -5.20 -0.62 2.60
C ALA A 298 -4.72 0.84 2.66
N SER A 299 -3.90 1.08 3.65
CA SER A 299 -3.19 2.39 3.85
C SER A 299 -4.17 3.56 3.91
N SER A 300 -4.08 4.54 2.99
CA SER A 300 -4.95 5.71 3.06
C SER A 300 -6.42 5.43 2.95
N PHE A 301 -6.79 4.29 2.38
CA PHE A 301 -8.19 3.92 2.46
C PHE A 301 -8.71 3.67 3.86
N PHE A 302 -7.80 3.42 4.79
CA PHE A 302 -8.11 3.38 6.19
C PHE A 302 -7.81 4.66 6.88
N TYR A 303 -6.68 5.26 6.60
CA TYR A 303 -6.31 6.44 7.32
C TYR A 303 -7.36 7.53 7.24
N LEU A 304 -7.95 7.73 6.04
CA LEU A 304 -8.93 8.79 5.93
C LEU A 304 -10.15 8.54 6.81
N PRO A 305 -10.80 7.37 6.68
CA PRO A 305 -11.91 7.09 7.59
C PRO A 305 -11.51 7.26 9.03
N GLN A 306 -10.32 6.78 9.39
CA GLN A 306 -9.88 6.90 10.80
C GLN A 306 -9.78 8.38 11.19
N ASP A 307 -9.29 9.19 10.27
CA ASP A 307 -9.12 10.59 10.58
C ASP A 307 -10.37 11.42 10.63
N VAL A 308 -11.43 10.94 10.01
CA VAL A 308 -12.72 11.62 10.13
C VAL A 308 -13.76 10.92 10.95
N GLY A 309 -13.27 10.11 11.88
CA GLY A 309 -14.03 9.57 12.95
C GLY A 309 -14.99 8.50 12.52
N MET A 310 -14.68 7.81 11.44
CA MET A 310 -15.49 6.71 10.96
C MET A 310 -15.20 5.34 11.60
N VAL A 311 -14.10 5.27 12.34
CA VAL A 311 -13.57 3.98 12.85
C VAL A 311 -13.63 4.01 14.35
N ASP A 312 -14.10 2.90 14.90
CA ASP A 312 -14.21 2.68 16.34
C ASP A 312 -12.80 2.85 17.03
N PRO A 313 -12.73 3.52 18.18
CA PRO A 313 -11.34 3.71 18.67
C PRO A 313 -10.67 2.35 18.97
N ASN A 314 -9.36 2.28 18.99
CA ASN A 314 -8.73 0.98 19.20
C ASN A 314 -8.98 -0.05 18.07
N LYS A 315 -9.35 0.39 16.87
CA LYS A 315 -9.53 -0.51 15.77
C LYS A 315 -8.62 -0.11 14.64
N SER A 316 -8.17 -1.13 13.89
CA SER A 316 -7.17 -0.96 12.81
C SER A 316 -7.76 -1.20 11.44
N ASN A 317 -9.04 -1.53 11.41
CA ASN A 317 -9.69 -1.71 10.15
C ASN A 317 -11.15 -1.42 10.42
N LEU A 318 -11.90 -1.35 9.36
CA LEU A 318 -13.36 -1.26 9.44
C LEU A 318 -14.01 -1.75 8.16
N LYS A 319 -15.31 -2.00 8.22
CA LYS A 319 -16.09 -2.27 7.09
C LYS A 319 -16.69 -0.97 6.69
N LEU A 320 -16.71 -0.71 5.41
CA LEU A 320 -17.39 0.45 4.96
C LEU A 320 -17.80 0.22 3.51
N ARG A 321 -18.79 0.98 3.10
CA ARG A 321 -19.20 1.07 1.72
C ARG A 321 -18.78 2.40 1.16
N PRO A 322 -18.55 2.43 -0.15
CA PRO A 322 -18.01 3.68 -0.67
C PRO A 322 -18.94 4.85 -0.46
N VAL A 323 -20.25 4.58 -0.48
CA VAL A 323 -21.23 5.59 -0.16
C VAL A 323 -21.00 6.25 1.15
N ASP A 324 -20.42 5.53 2.12
CA ASP A 324 -20.11 6.14 3.39
C ASP A 324 -19.14 7.39 3.26
N LEU A 325 -18.27 7.31 2.29
CA LEU A 325 -17.28 8.35 2.01
C LEU A 325 -17.96 9.54 1.35
N GLU A 326 -18.87 9.23 0.44
CA GLU A 326 -19.69 10.23 -0.22
C GLU A 326 -20.54 10.94 0.78
N ASN A 327 -21.21 10.20 1.66
CA ASN A 327 -22.08 10.82 2.66
C ASN A 327 -21.28 11.69 3.62
N LYS A 328 -20.09 11.23 4.03
CA LYS A 328 -19.20 12.01 4.84
C LYS A 328 -18.80 13.29 4.11
N ALA A 329 -18.48 13.22 2.81
CA ALA A 329 -18.04 14.42 2.07
C ALA A 329 -19.17 15.40 1.96
N LYS A 330 -20.39 14.89 1.77
CA LYS A 330 -21.52 15.81 1.75
C LYS A 330 -21.62 16.72 2.98
N ILE A 331 -21.23 16.23 4.16
CA ILE A 331 -21.20 17.10 5.33
C ILE A 331 -19.92 17.89 5.34
N VAL A 332 -18.78 17.22 5.20
CA VAL A 332 -17.48 17.84 5.34
C VAL A 332 -17.23 18.99 4.34
N CYS A 333 -17.65 18.81 3.11
CA CYS A 333 -17.60 19.83 2.11
C CYS A 333 -18.44 21.09 2.37
N THR A 334 -19.25 21.11 3.44
CA THR A 334 -19.91 22.34 3.86
C THR A 334 -19.19 23.09 4.99
N LEU A 335 -18.13 22.50 5.54
CA LEU A 335 -17.48 23.01 6.71
C LEU A 335 -16.27 23.82 6.34
N ASN A 336 -15.80 24.65 7.27
CA ASN A 336 -14.56 25.34 7.10
C ASN A 336 -13.41 24.69 7.86
N VAL A 337 -12.24 25.27 7.69
CA VAL A 337 -11.02 24.69 8.26
C VAL A 337 -11.11 24.61 9.77
N GLU A 338 -11.57 25.67 10.41
CA GLU A 338 -11.73 25.63 11.89
C GLU A 338 -12.69 24.56 12.36
N ASP A 339 -13.82 24.45 11.69
CA ASP A 339 -14.81 23.39 11.97
C ASP A 339 -14.17 22.01 11.88
N VAL A 340 -13.46 21.78 10.79
CA VAL A 340 -12.88 20.44 10.55
C VAL A 340 -11.72 20.16 11.49
N LYS A 341 -10.86 21.14 11.69
CA LYS A 341 -9.79 21.02 12.63
C LYS A 341 -10.31 20.65 13.99
N SER A 342 -11.39 21.27 14.41
CA SER A 342 -11.95 20.96 15.75
C SER A 342 -12.63 19.61 15.82
N ALA A 343 -13.35 19.26 14.75
CA ALA A 343 -14.06 17.98 14.66
C ALA A 343 -13.08 16.83 14.59
N TYR A 344 -11.98 16.99 13.84
CA TYR A 344 -11.13 15.90 13.46
C TYR A 344 -9.68 16.25 13.69
N PRO A 345 -9.26 16.21 14.95
CA PRO A 345 -7.87 16.57 15.23
C PRO A 345 -6.83 15.74 14.52
N LEU A 346 -7.18 14.52 14.06
CA LEU A 346 -6.15 13.74 13.41
C LEU A 346 -5.80 14.37 12.07
N LEU A 347 -6.77 15.03 11.43
CA LEU A 347 -6.41 15.70 10.19
C LEU A 347 -5.44 16.84 10.50
N GLU A 348 -5.56 17.41 11.69
CA GLU A 348 -4.66 18.53 12.02
C GLU A 348 -3.28 17.99 12.32
N LYS A 349 -3.21 16.84 12.97
CA LYS A 349 -1.95 16.12 13.19
C LYS A 349 -1.19 15.88 11.95
N PHE A 350 -1.91 15.57 10.88
CA PHE A 350 -1.28 15.21 9.67
C PHE A 350 -1.26 16.40 8.72
N ASN A 351 -1.64 17.56 9.22
CA ASN A 351 -1.59 18.80 8.39
C ASN A 351 -2.36 18.79 7.11
N ILE A 352 -3.52 18.15 7.12
CA ILE A 352 -4.30 18.04 5.91
C ILE A 352 -5.77 18.47 6.03
N VAL A 353 -6.05 19.33 7.02
CA VAL A 353 -7.38 19.80 7.26
C VAL A 353 -8.02 20.41 5.99
N PRO A 354 -7.31 21.24 5.24
CA PRO A 354 -7.90 21.88 4.10
C PRO A 354 -8.41 20.96 2.98
N TYR A 355 -7.91 19.74 3.00
CA TYR A 355 -8.08 18.77 1.92
C TYR A 355 -9.10 17.74 2.31
N ALA A 356 -9.79 17.97 3.43
CA ALA A 356 -10.74 16.94 3.94
C ALA A 356 -11.82 16.57 2.99
N CYS A 357 -12.43 17.60 2.42
CA CYS A 357 -13.51 17.39 1.45
C CYS A 357 -12.94 16.69 0.17
N MET A 358 -11.81 17.22 -0.30
CA MET A 358 -11.15 16.72 -1.50
C MET A 358 -10.82 15.25 -1.34
N ASP A 359 -10.25 14.89 -0.18
CA ASP A 359 -9.76 13.52 0.07
C ASP A 359 -10.94 12.52 0.06
N LEU A 360 -12.04 12.92 0.66
CA LEU A 360 -13.23 12.07 0.73
C LEU A 360 -13.84 11.87 -0.62
N ILE A 361 -14.05 12.95 -1.35
CA ILE A 361 -14.61 12.81 -2.67
C ILE A 361 -13.66 12.01 -3.59
N TYR A 362 -12.35 12.22 -3.42
CA TYR A 362 -11.39 11.49 -4.22
C TYR A 362 -11.51 9.99 -3.98
N GLN A 363 -11.50 9.57 -2.72
CA GLN A 363 -11.67 8.17 -2.44
C GLN A 363 -12.97 7.58 -2.94
N TYR A 364 -14.05 8.30 -2.82
CA TYR A 364 -15.38 7.88 -3.33
C TYR A 364 -15.28 7.72 -4.85
N GLU A 365 -14.79 8.74 -5.53
CA GLU A 365 -14.61 8.73 -6.97
C GLU A 365 -13.67 7.67 -7.47
N LEU A 366 -12.51 7.53 -6.84
CA LEU A 366 -11.57 6.53 -7.23
C LEU A 366 -12.21 5.12 -7.17
N LEU A 367 -12.84 4.82 -6.05
CA LEU A 367 -13.46 3.51 -5.87
C LEU A 367 -14.61 3.23 -6.84
N VAL A 368 -15.49 4.19 -6.99
CA VAL A 368 -16.75 3.97 -7.67
C VAL A 368 -16.58 4.22 -9.19
N ASP A 369 -16.32 5.48 -9.52
CA ASP A 369 -16.10 5.91 -10.92
C ASP A 369 -14.84 5.34 -11.56
N GLY A 370 -13.75 5.32 -10.80
CA GLY A 370 -12.52 4.74 -11.22
C GLY A 370 -12.45 3.23 -11.27
N PHE A 371 -12.62 2.56 -10.14
CA PHE A 371 -12.47 1.16 -10.15
C PHE A 371 -13.78 0.41 -10.36
N GLY A 372 -14.89 1.10 -10.46
CA GLY A 372 -16.16 0.39 -10.74
C GLY A 372 -16.73 -0.41 -9.62
N LEU A 373 -16.45 -0.03 -8.40
CA LEU A 373 -17.08 -0.64 -7.23
C LEU A 373 -18.48 -0.12 -7.02
N ASP A 374 -19.41 -0.98 -6.59
CA ASP A 374 -20.72 -0.53 -6.24
C ASP A 374 -20.66 0.29 -5.00
N PRO A 375 -21.29 1.43 -4.98
CA PRO A 375 -21.19 2.28 -3.83
C PRO A 375 -21.78 1.67 -2.56
N LEU A 376 -22.64 0.64 -2.75
CA LEU A 376 -23.17 -0.08 -1.63
C LEU A 376 -22.42 -1.34 -1.22
N GLN A 377 -21.38 -1.72 -1.94
CA GLN A 377 -20.70 -2.95 -1.66
C GLN A 377 -19.76 -2.72 -0.48
N GLU A 378 -19.90 -3.55 0.53
CA GLU A 378 -19.01 -3.46 1.68
C GLU A 378 -17.64 -3.92 1.36
N ILE A 379 -16.69 -3.13 1.79
CA ILE A 379 -15.31 -3.53 1.72
C ILE A 379 -14.72 -3.41 3.11
N THR A 380 -13.56 -3.97 3.27
CA THR A 380 -12.86 -3.81 4.49
C THR A 380 -11.75 -2.82 4.19
N ALA A 381 -11.63 -1.78 5.00
CA ALA A 381 -10.42 -0.93 4.88
C ALA A 381 -9.61 -1.11 6.10
N GLY A 382 -8.30 -1.17 5.98
CA GLY A 382 -7.52 -1.25 7.20
C GLY A 382 -6.05 -1.02 6.97
N GLU A 383 -5.39 -0.68 8.05
CA GLU A 383 -3.95 -0.62 8.09
C GLU A 383 -3.41 -1.94 8.66
N LYS A 384 -4.23 -2.67 9.43
CA LYS A 384 -3.91 -3.98 9.93
C LYS A 384 -5.09 -4.89 9.75
N ILE A 385 -4.77 -6.16 9.75
CA ILE A 385 -5.78 -7.18 9.58
C ILE A 385 -5.62 -8.22 10.73
N GLU A 386 -6.78 -8.67 11.24
CA GLU A 386 -6.76 -9.70 12.29
C GLU A 386 -6.16 -11.06 11.82
N TYR A 387 -5.25 -11.56 12.63
CA TYR A 387 -4.72 -12.89 12.46
C TYR A 387 -4.65 -13.47 13.87
N GLN A 388 -5.43 -14.55 14.04
CA GLN A 388 -5.74 -15.02 15.38
C GLN A 388 -6.18 -13.85 16.24
N GLU A 389 -5.51 -13.64 17.34
CA GLU A 389 -5.87 -12.63 18.24
C GLU A 389 -5.00 -11.40 18.01
N ALA A 390 -4.15 -11.42 17.01
CA ALA A 390 -3.17 -10.38 16.83
C ALA A 390 -3.57 -9.60 15.61
N LEU A 391 -2.75 -8.64 15.32
CA LEU A 391 -2.92 -7.80 14.10
C LEU A 391 -1.65 -7.85 13.30
N VAL A 392 -1.80 -8.05 11.98
CA VAL A 392 -0.73 -8.10 11.01
C VAL A 392 -0.87 -6.81 10.19
N ASP A 393 0.21 -6.11 9.91
CA ASP A 393 0.23 -4.99 8.99
C ASP A 393 -0.32 -5.35 7.59
N ALA A 394 -1.22 -4.51 7.08
CA ALA A 394 -1.79 -4.68 5.81
C ALA A 394 -0.83 -4.05 4.83
N ALA A 395 0.26 -4.73 4.61
CA ALA A 395 1.35 -4.26 3.78
C ALA A 395 2.07 -5.47 3.20
N TRP A 396 3.21 -5.25 2.57
CA TRP A 396 3.81 -6.29 1.78
C TRP A 396 4.69 -7.28 2.52
N ALA A 397 5.13 -6.97 3.75
CA ALA A 397 6.15 -7.74 4.37
C ALA A 397 5.75 -9.17 4.54
N LEU A 398 4.59 -9.43 5.09
CA LEU A 398 4.27 -10.80 5.38
C LEU A 398 4.17 -11.62 4.09
N GLY A 399 3.55 -11.11 3.08
CA GLY A 399 3.45 -11.73 1.79
C GLY A 399 4.76 -12.05 1.18
N ASN A 400 5.70 -11.15 1.33
CA ASN A 400 7.06 -11.37 0.95
C ASN A 400 7.69 -12.55 1.70
N ALA A 401 7.56 -12.56 3.02
CA ALA A 401 8.02 -13.72 3.80
C ALA A 401 7.40 -15.04 3.36
N VAL A 402 6.12 -15.04 3.14
CA VAL A 402 5.35 -16.25 2.74
C VAL A 402 5.90 -16.80 1.43
N GLU A 403 6.09 -15.91 0.47
CA GLU A 403 6.66 -16.30 -0.79
C GLU A 403 8.04 -16.89 -0.61
N ALA A 404 8.83 -16.29 0.27
CA ALA A 404 10.19 -16.72 0.53
C ALA A 404 10.19 -18.11 1.14
N VAL A 405 9.25 -18.37 2.03
CA VAL A 405 9.26 -19.64 2.74
C VAL A 405 8.73 -20.74 1.83
N LEU A 406 7.82 -20.37 0.96
CA LEU A 406 7.24 -21.31 -0.02
C LEU A 406 8.24 -21.82 -1.05
N LEU A 407 9.37 -21.13 -1.19
CA LEU A 407 10.47 -21.59 -2.01
C LEU A 407 11.34 -22.59 -1.35
N LEU A 408 11.16 -22.78 -0.05
CA LEU A 408 11.94 -23.82 0.61
C LEU A 408 11.42 -25.23 0.30
N PRO A 409 12.34 -26.19 0.13
CA PRO A 409 11.91 -27.56 0.01
C PRO A 409 11.10 -28.00 1.24
N LYS A 410 10.13 -28.89 1.12
CA LYS A 410 9.29 -29.11 2.33
C LYS A 410 8.08 -28.18 2.32
N PHE A 411 8.31 -26.88 2.55
CA PHE A 411 7.16 -25.96 2.50
C PHE A 411 6.56 -26.03 1.09
N GLU A 412 7.41 -26.45 0.14
CA GLU A 412 7.03 -27.12 -1.13
C GLU A 412 7.59 -26.28 -2.26
N9 ADE B . 0.13 7.18 8.69
C8 ADE B . -0.10 6.30 9.71
N7 ADE B . -1.30 6.57 10.27
C5 ADE B . -1.85 7.62 9.60
C6 ADE B . -3.12 8.41 9.67
N6 ADE B . -4.11 8.16 10.57
N1 ADE B . -3.28 9.41 8.79
C2 ADE B . -2.35 9.72 7.85
N3 ADE B . -1.19 9.04 7.74
C4 ADE B . -0.90 8.01 8.56
P PO4 C . 3.76 4.88 -2.87
O1 PO4 C . 3.53 5.45 -1.49
O2 PO4 C . 4.18 5.98 -3.79
O3 PO4 C . 2.51 4.26 -3.48
O4 PO4 C . 4.86 3.84 -2.73
P PO4 D . 7.58 5.17 5.47
O1 PO4 D . 6.72 6.39 5.18
O2 PO4 D . 8.68 5.63 6.44
O3 PO4 D . 8.07 4.67 4.13
O4 PO4 D . 6.80 4.06 6.14
#